data_2CC0
#
_entry.id   2CC0
#
_cell.length_a   95.538
_cell.length_b   47.905
_cell.length_c   89.842
_cell.angle_alpha   90.00
_cell.angle_beta   90.00
_cell.angle_gamma   90.00
#
_symmetry.space_group_name_H-M   'P 21 21 21'
#
loop_
_entity.id
_entity.type
_entity.pdbx_description
1 polymer 'ACETYL-XYLAN ESTERASE'
2 non-polymer 'ZINC ION'
3 non-polymer 'ACETATE ION'
4 water water
#
_entity_poly.entity_id   1
_entity_poly.type   'polypeptide(L)'
_entity_poly.pdbx_seq_one_letter_code
;AACNGYVGLTFDDGPSGSTQSLLNALRQNGLRATMFNQGQYAAQNPSLVRAQVDAGMWVANHSYTHPHMTQLGQAQMDSE
ISRTQQAIAGAGGGTPKLFRPPYGETNATLRSVEAKYGLTEVIWDVDSQDWNNASTDAIVQAVSRLGNGQVILMHDWPAN
TLAAIPRIAQTLAGKGLCSGMISPQTGRAVAPDGS
;
_entity_poly.pdbx_strand_id   A,B
#
# COMPACT_ATOMS: atom_id res chain seq x y z
N ALA A 1 -21.59 12.60 6.50
CA ALA A 1 -21.04 12.23 7.85
C ALA A 1 -19.94 13.19 8.25
N ALA A 2 -19.68 13.26 9.56
CA ALA A 2 -18.55 14.02 10.07
C ALA A 2 -17.26 13.47 9.44
N CYS A 3 -17.17 12.13 9.32
CA CYS A 3 -16.03 11.50 8.64
CA CYS A 3 -16.03 11.46 8.67
C CYS A 3 -16.53 10.66 7.47
N ASN A 4 -16.41 11.21 6.27
CA ASN A 4 -16.76 10.47 5.05
C ASN A 4 -15.60 9.58 4.57
N GLY A 5 -14.41 9.82 5.12
CA GLY A 5 -13.24 9.03 4.74
C GLY A 5 -12.14 9.35 5.75
N TYR A 6 -11.02 8.63 5.64
CA TYR A 6 -9.90 8.77 6.58
C TYR A 6 -8.59 8.93 5.87
N VAL A 7 -7.73 9.76 6.45
CA VAL A 7 -6.36 9.88 5.93
C VAL A 7 -5.37 9.49 7.00
N GLY A 8 -4.14 9.17 6.57
CA GLY A 8 -3.09 8.72 7.49
C GLY A 8 -2.08 9.83 7.71
N LEU A 9 -2.26 10.61 8.78
CA LEU A 9 -1.23 11.59 9.13
C LEU A 9 -0.10 10.86 9.82
N THR A 10 1.14 11.11 9.39
CA THR A 10 2.28 10.44 10.01
C THR A 10 3.42 11.43 10.25
N PHE A 11 4.19 11.18 11.30
CA PHE A 11 5.34 12.03 11.65
C PHE A 11 6.56 11.16 11.95
N ASP A 12 7.59 11.30 11.12
CA ASP A 12 8.84 10.57 11.29
C ASP A 12 9.86 11.28 12.19
N ASP A 13 10.64 10.44 12.88
CA ASP A 13 11.96 10.79 13.45
C ASP A 13 11.97 11.31 14.87
N GLY A 14 10.86 11.14 15.55
CA GLY A 14 10.84 11.49 16.97
C GLY A 14 11.16 10.30 17.83
N PRO A 15 10.97 10.47 19.15
CA PRO A 15 10.63 11.78 19.71
C PRO A 15 11.86 12.62 20.03
N SER A 16 11.67 13.85 20.46
CA SER A 16 12.56 15.00 20.23
C SER A 16 12.04 16.12 21.14
N GLY A 17 12.85 17.16 21.32
CA GLY A 17 12.36 18.36 21.99
C GLY A 17 11.16 19.09 21.37
N SER A 18 10.78 18.71 20.15
CA SER A 18 9.64 19.28 19.43
CA SER A 18 9.63 19.32 19.51
C SER A 18 8.36 18.49 19.64
N THR A 19 8.49 17.28 20.17
CA THR A 19 7.36 16.35 20.20
C THR A 19 6.18 16.82 21.05
N GLN A 20 6.45 17.25 22.29
CA GLN A 20 5.29 17.64 23.13
C GLN A 20 4.46 18.76 22.50
N SER A 21 5.11 19.78 21.94
CA SER A 21 4.40 20.88 21.28
C SER A 21 3.55 20.38 20.11
N LEU A 22 4.11 19.46 19.32
CA LEU A 22 3.37 18.86 18.23
C LEU A 22 2.16 18.07 18.73
N LEU A 23 2.38 17.26 19.77
CA LEU A 23 1.27 16.46 20.31
C LEU A 23 0.16 17.36 20.83
N ASN A 24 0.54 18.43 21.53
CA ASN A 24 -0.45 19.37 22.05
C ASN A 24 -1.27 20.02 20.93
N ALA A 25 -0.59 20.42 19.86
CA ALA A 25 -1.27 20.97 18.69
C ALA A 25 -2.23 19.96 18.04
N LEU A 26 -1.75 18.74 17.83
CA LEU A 26 -2.62 17.71 17.26
C LEU A 26 -3.87 17.49 18.12
N ARG A 27 -3.69 17.22 19.42
CA ARG A 27 -4.85 16.97 20.28
C ARG A 27 -5.80 18.18 20.33
N GLN A 28 -5.25 19.38 20.39
CA GLN A 28 -6.10 20.59 20.47
C GLN A 28 -6.93 20.77 19.20
N ASN A 29 -6.43 20.22 18.10
CA ASN A 29 -7.11 20.31 16.82
C ASN A 29 -7.85 19.02 16.43
N GLY A 30 -7.93 18.10 17.38
CA GLY A 30 -8.75 16.89 17.25
C GLY A 30 -8.18 15.90 16.26
N LEU A 31 -6.85 15.90 16.13
CA LEU A 31 -6.19 15.02 15.15
C LEU A 31 -5.43 13.89 15.83
N ARG A 32 -5.44 12.72 15.20
CA ARG A 32 -4.63 11.59 15.63
C ARG A 32 -3.67 11.25 14.49
N ALA A 33 -2.56 10.62 14.84
CA ALA A 33 -1.52 10.37 13.83
C ALA A 33 -0.65 9.23 14.27
N THR A 34 0.14 8.72 13.33
CA THR A 34 1.10 7.67 13.59
C THR A 34 2.50 8.25 13.63
N MET A 35 3.18 8.01 14.75
CA MET A 35 4.55 8.55 14.98
C MET A 35 5.54 7.42 14.69
N PHE A 36 6.33 7.60 13.61
CA PHE A 36 7.35 6.60 13.23
C PHE A 36 8.65 7.00 13.94
N ASN A 37 8.82 6.47 15.15
CA ASN A 37 9.97 6.83 16.00
C ASN A 37 11.24 6.07 15.61
N GLN A 38 12.40 6.71 15.79
CA GLN A 38 13.66 5.96 15.74
C GLN A 38 13.89 5.29 17.10
N GLY A 39 14.36 4.06 17.07
CA GLY A 39 14.61 3.32 18.33
C GLY A 39 15.57 4.09 19.27
N GLN A 40 16.62 4.71 18.72
CA GLN A 40 17.56 5.41 19.61
C GLN A 40 16.88 6.52 20.39
N TYR A 41 15.93 7.22 19.75
CA TYR A 41 15.21 8.32 20.42
C TYR A 41 14.12 7.82 21.36
N ALA A 42 13.49 6.69 21.02
CA ALA A 42 12.55 6.04 21.96
C ALA A 42 13.31 5.64 23.24
N ALA A 43 14.50 5.07 23.07
CA ALA A 43 15.33 4.64 24.20
C ALA A 43 15.74 5.84 25.07
N GLN A 44 16.06 6.95 24.42
CA GLN A 44 16.55 8.16 25.11
C GLN A 44 15.43 8.95 25.77
N ASN A 45 14.19 8.78 25.30
CA ASN A 45 13.07 9.60 25.75
C ASN A 45 11.81 8.77 26.04
N PRO A 46 11.90 7.79 26.98
CA PRO A 46 10.72 6.92 27.16
C PRO A 46 9.46 7.69 27.56
N SER A 47 9.58 8.73 28.37
CA SER A 47 8.43 9.53 28.76
CA SER A 47 8.39 9.48 28.75
C SER A 47 7.72 10.18 27.57
N LEU A 48 8.50 10.58 26.55
CA LEU A 48 7.89 11.18 25.35
C LEU A 48 7.23 10.13 24.48
N VAL A 49 7.75 8.90 24.51
CA VAL A 49 7.05 7.81 23.81
C VAL A 49 5.65 7.63 24.40
N ARG A 50 5.58 7.58 25.73
CA ARG A 50 4.27 7.53 26.43
C ARG A 50 3.41 8.74 26.13
N ALA A 51 4.03 9.93 26.01
CA ALA A 51 3.26 11.15 25.76
C ALA A 51 2.53 11.03 24.42
N GLN A 52 3.16 10.36 23.46
CA GLN A 52 2.51 10.14 22.16
C GLN A 52 1.25 9.30 22.33
N VAL A 53 1.38 8.22 23.09
CA VAL A 53 0.23 7.33 23.37
C VAL A 53 -0.88 8.11 24.08
N ASP A 54 -0.50 8.87 25.11
CA ASP A 54 -1.48 9.62 25.91
C ASP A 54 -2.17 10.75 25.14
N ALA A 55 -1.53 11.19 24.05
CA ALA A 55 -2.10 12.19 23.16
C ALA A 55 -3.08 11.60 22.13
N GLY A 56 -3.13 10.26 22.06
CA GLY A 56 -4.01 9.55 21.13
C GLY A 56 -3.32 9.15 19.85
N MET A 57 -1.98 9.10 19.88
CA MET A 57 -1.21 8.68 18.67
C MET A 57 -0.94 7.17 18.68
N TRP A 58 -0.59 6.63 17.52
CA TRP A 58 -0.07 5.26 17.38
C TRP A 58 1.42 5.41 17.17
N VAL A 59 2.17 4.45 17.66
CA VAL A 59 3.63 4.53 17.60
C VAL A 59 4.12 3.39 16.72
N ALA A 60 5.03 3.72 15.80
CA ALA A 60 5.53 2.77 14.82
C ALA A 60 7.04 2.84 14.72
N ASN A 61 7.59 1.85 14.00
CA ASN A 61 9.05 1.58 13.95
C ASN A 61 9.70 2.29 12.76
N HIS A 62 10.74 3.07 13.01
CA HIS A 62 11.43 3.80 11.94
C HIS A 62 12.96 3.49 11.94
N SER A 63 13.31 2.26 12.35
CA SER A 63 14.71 1.79 12.53
C SER A 63 15.35 2.41 13.78
N TYR A 64 16.53 1.92 14.14
CA TYR A 64 17.20 2.38 15.37
C TYR A 64 17.98 3.66 15.16
N THR A 65 18.73 3.74 14.06
CA THR A 65 19.64 4.87 13.83
C THR A 65 19.42 5.55 12.46
N HIS A 66 18.37 5.16 11.74
CA HIS A 66 18.02 5.75 10.43
C HIS A 66 19.11 5.52 9.34
N PRO A 67 19.62 4.29 9.21
CA PRO A 67 20.60 4.03 8.14
C PRO A 67 19.88 3.87 6.81
N HIS A 68 20.64 3.89 5.71
CA HIS A 68 20.11 3.44 4.44
C HIS A 68 20.07 1.91 4.53
N MET A 69 18.91 1.35 4.84
CA MET A 69 18.79 -0.08 5.22
CA MET A 69 18.86 -0.07 5.21
C MET A 69 19.20 -1.05 4.12
N THR A 70 18.99 -0.67 2.87
CA THR A 70 19.31 -1.56 1.76
C THR A 70 20.83 -1.66 1.55
N GLN A 71 21.58 -0.79 2.23
CA GLN A 71 23.06 -0.89 2.21
C GLN A 71 23.61 -1.83 3.30
N LEU A 72 22.72 -2.35 4.16
CA LEU A 72 23.09 -3.24 5.24
C LEU A 72 22.90 -4.70 4.88
N GLY A 73 23.64 -5.56 5.56
CA GLY A 73 23.37 -7.00 5.51
C GLY A 73 22.12 -7.32 6.31
N GLN A 74 21.57 -8.51 6.08
CA GLN A 74 20.33 -8.91 6.77
C GLN A 74 20.44 -8.87 8.29
N ALA A 75 21.56 -9.34 8.84
CA ALA A 75 21.75 -9.33 10.29
C ALA A 75 21.69 -7.90 10.88
N GLN A 76 22.31 -6.96 10.18
CA GLN A 76 22.29 -5.54 10.60
C GLN A 76 20.88 -4.96 10.48
N MET A 77 20.15 -5.34 9.43
CA MET A 77 18.76 -4.88 9.31
C MET A 77 17.93 -5.43 10.46
N ASP A 78 18.15 -6.71 10.78
CA ASP A 78 17.46 -7.38 11.88
C ASP A 78 17.73 -6.66 13.21
N SER A 79 19.00 -6.36 13.47
CA SER A 79 19.36 -5.60 14.67
C SER A 79 18.65 -4.25 14.75
N GLU A 80 18.64 -3.51 13.65
CA GLU A 80 18.02 -2.19 13.63
C GLU A 80 16.52 -2.28 13.93
N ILE A 81 15.86 -3.23 13.30
CA ILE A 81 14.41 -3.38 13.50
C ILE A 81 14.06 -3.92 14.90
N SER A 82 14.74 -4.99 15.29
CA SER A 82 14.43 -5.62 16.59
CA SER A 82 14.51 -5.65 16.60
C SER A 82 14.73 -4.69 17.77
N ARG A 83 15.85 -3.97 17.73
CA ARG A 83 16.18 -3.04 18.82
CA ARG A 83 16.15 -3.06 18.83
C ARG A 83 15.14 -1.94 18.94
N THR A 84 14.59 -1.53 17.79
CA THR A 84 13.54 -0.51 17.82
C THR A 84 12.20 -1.06 18.38
N GLN A 85 11.84 -2.31 18.04
CA GLN A 85 10.66 -2.96 18.64
C GLN A 85 10.82 -2.94 20.16
N GLN A 86 12.01 -3.34 20.61
CA GLN A 86 12.31 -3.43 22.04
C GLN A 86 12.28 -2.05 22.70
N ALA A 87 12.86 -1.04 22.06
CA ALA A 87 12.91 0.29 22.69
C ALA A 87 11.51 0.90 22.81
N ILE A 88 10.70 0.75 21.75
CA ILE A 88 9.35 1.32 21.80
C ILE A 88 8.47 0.60 22.83
N ALA A 89 8.51 -0.72 22.80
CA ALA A 89 7.75 -1.50 23.77
C ALA A 89 8.18 -1.20 25.20
N GLY A 90 9.49 -1.16 25.41
CA GLY A 90 10.08 -0.87 26.73
C GLY A 90 9.64 0.48 27.28
N ALA A 91 9.43 1.44 26.39
CA ALA A 91 9.03 2.78 26.79
C ALA A 91 7.54 2.93 27.02
N GLY A 92 6.75 1.87 26.75
CA GLY A 92 5.29 1.97 26.92
C GLY A 92 4.52 2.32 25.67
N GLY A 93 5.21 2.30 24.52
CA GLY A 93 4.59 2.60 23.22
C GLY A 93 3.89 1.46 22.51
N GLY A 94 3.79 0.29 23.16
CA GLY A 94 3.28 -0.91 22.50
C GLY A 94 4.35 -1.59 21.65
N THR A 95 3.98 -2.72 21.07
CA THR A 95 4.84 -3.40 20.11
C THR A 95 4.35 -3.01 18.73
N PRO A 96 5.14 -2.21 17.99
CA PRO A 96 4.66 -1.75 16.67
C PRO A 96 4.27 -2.85 15.69
N LYS A 97 3.25 -2.54 14.89
CA LYS A 97 2.87 -3.40 13.77
CA LYS A 97 2.79 -3.36 13.78
C LYS A 97 3.22 -2.80 12.43
N LEU A 98 3.72 -1.55 12.44
CA LEU A 98 4.06 -0.82 11.21
C LEU A 98 5.53 -0.39 11.20
N PHE A 99 6.14 -0.43 10.02
CA PHE A 99 7.54 -0.03 9.87
C PHE A 99 7.67 0.83 8.64
N ARG A 100 8.35 1.97 8.78
CA ARG A 100 8.63 2.79 7.59
C ARG A 100 10.13 2.77 7.36
N PRO A 101 10.57 2.30 6.17
CA PRO A 101 12.01 2.27 5.93
C PRO A 101 12.54 3.71 5.86
N PRO A 102 13.70 3.96 6.50
CA PRO A 102 14.34 5.25 6.26
C PRO A 102 14.49 5.51 4.75
N TYR A 103 14.19 6.74 4.32
CA TYR A 103 14.34 7.19 2.89
C TYR A 103 13.36 6.48 1.97
N GLY A 104 12.44 5.68 2.54
CA GLY A 104 11.51 4.89 1.71
C GLY A 104 12.19 3.74 0.96
N GLU A 105 13.46 3.47 1.28
CA GLU A 105 14.28 2.54 0.52
C GLU A 105 14.11 1.13 1.04
N THR A 106 13.71 0.25 0.13
CA THR A 106 13.42 -1.14 0.52
C THR A 106 13.95 -2.17 -0.50
N ASN A 107 14.04 -3.42 -0.06
CA ASN A 107 14.34 -4.55 -0.94
C ASN A 107 13.80 -5.83 -0.33
N ALA A 108 13.97 -6.96 -1.03
CA ALA A 108 13.34 -8.22 -0.58
C ALA A 108 13.92 -8.66 0.77
N THR A 109 15.20 -8.39 0.98
CA THR A 109 15.83 -8.76 2.26
C THR A 109 15.16 -7.98 3.41
N LEU A 110 15.01 -6.67 3.20
CA LEU A 110 14.34 -5.87 4.22
C LEU A 110 12.92 -6.38 4.46
N ARG A 111 12.22 -6.72 3.37
CA ARG A 111 10.87 -7.27 3.50
C ARG A 111 10.84 -8.54 4.36
N SER A 112 11.84 -9.41 4.19
CA SER A 112 11.92 -10.63 4.99
CA SER A 112 11.92 -10.63 4.99
CA SER A 112 11.93 -10.63 4.99
C SER A 112 12.09 -10.32 6.48
N VAL A 113 12.92 -9.32 6.78
CA VAL A 113 13.12 -8.93 8.16
C VAL A 113 11.84 -8.32 8.75
N GLU A 114 11.17 -7.44 8.00
CA GLU A 114 9.87 -6.91 8.43
C GLU A 114 8.91 -8.05 8.79
N ALA A 115 8.83 -9.05 7.91
CA ALA A 115 7.87 -10.17 8.11
C ALA A 115 8.22 -10.95 9.38
N LYS A 116 9.53 -11.16 9.62
CA LYS A 116 9.98 -11.87 10.82
C LYS A 116 9.38 -11.22 12.08
N TYR A 117 9.33 -9.89 12.11
CA TYR A 117 8.88 -9.11 13.29
C TYR A 117 7.41 -8.72 13.24
N GLY A 118 6.68 -9.26 12.25
CA GLY A 118 5.26 -8.97 12.09
C GLY A 118 4.95 -7.53 11.75
N LEU A 119 5.85 -6.90 11.00
CA LEU A 119 5.71 -5.49 10.63
C LEU A 119 5.21 -5.32 9.17
N THR A 120 4.22 -4.45 9.01
CA THR A 120 3.76 -4.04 7.69
C THR A 120 4.57 -2.83 7.24
N GLU A 121 5.12 -2.87 6.01
CA GLU A 121 5.87 -1.71 5.50
C GLU A 121 4.91 -0.61 5.11
N VAL A 122 5.25 0.61 5.50
CA VAL A 122 4.43 1.77 5.21
C VAL A 122 5.30 2.84 4.60
N ILE A 123 5.10 3.11 3.31
CA ILE A 123 5.75 4.21 2.61
CA ILE A 123 5.78 4.24 2.68
C ILE A 123 4.85 5.44 2.76
N TRP A 124 4.40 6.02 1.66
CA TRP A 124 3.48 7.16 1.73
C TRP A 124 2.91 7.39 0.33
N ASP A 125 1.81 8.14 0.29
CA ASP A 125 1.19 8.57 -0.97
C ASP A 125 1.65 9.99 -1.34
N VAL A 126 1.80 10.83 -0.31
CA VAL A 126 2.21 12.22 -0.51
C VAL A 126 3.35 12.53 0.42
N ASP A 127 4.38 13.21 -0.10
CA ASP A 127 5.50 13.68 0.72
C ASP A 127 5.25 15.17 0.93
N SER A 128 5.05 15.58 2.18
CA SER A 128 4.79 16.98 2.50
C SER A 128 6.00 17.87 2.20
N GLN A 129 7.17 17.24 2.06
CA GLN A 129 8.45 17.96 1.88
C GLN A 129 8.82 18.86 3.06
N ASP A 130 8.22 18.61 4.23
CA ASP A 130 8.50 19.44 5.41
C ASP A 130 9.97 19.35 5.85
N TRP A 131 10.61 18.25 5.49
CA TRP A 131 12.04 18.00 5.78
C TRP A 131 12.95 18.77 4.81
N ASN A 132 12.36 19.27 3.72
CA ASN A 132 13.09 19.91 2.61
C ASN A 132 12.66 21.36 2.45
N ASN A 133 12.43 22.01 3.59
CA ASN A 133 12.10 23.45 3.67
C ASN A 133 10.75 23.89 3.10
N ALA A 134 9.80 22.97 2.96
CA ALA A 134 8.47 23.37 2.51
C ALA A 134 7.88 24.42 3.45
N SER A 135 7.21 25.39 2.86
CA SER A 135 6.48 26.39 3.64
C SER A 135 5.29 25.75 4.31
N THR A 136 4.77 26.43 5.33
CA THR A 136 3.50 26.05 5.95
C THR A 136 2.41 25.91 4.87
N ASP A 137 2.34 26.88 3.95
CA ASP A 137 1.39 26.78 2.85
C ASP A 137 1.54 25.51 2.04
N ALA A 138 2.79 25.16 1.71
CA ALA A 138 3.06 24.00 0.87
C ALA A 138 2.66 22.70 1.59
N ILE A 139 2.88 22.67 2.91
CA ILE A 139 2.54 21.48 3.72
C ILE A 139 1.02 21.29 3.74
N VAL A 140 0.28 22.38 3.99
CA VAL A 140 -1.17 22.34 3.98
C VAL A 140 -1.70 21.89 2.61
N GLN A 141 -1.09 22.43 1.54
CA GLN A 141 -1.42 22.05 0.17
CA GLN A 141 -1.51 22.04 0.20
C GLN A 141 -1.22 20.54 -0.07
N ALA A 142 -0.11 20.01 0.46
CA ALA A 142 0.16 18.56 0.33
C ALA A 142 -0.96 17.75 1.01
N VAL A 143 -1.37 18.16 2.21
CA VAL A 143 -2.48 17.52 2.90
C VAL A 143 -3.78 17.56 2.06
N SER A 144 -3.99 18.69 1.38
CA SER A 144 -5.18 18.87 0.53
C SER A 144 -5.27 17.86 -0.65
N ARG A 145 -4.16 17.22 -0.98
CA ARG A 145 -4.15 16.24 -2.07
C ARG A 145 -4.59 14.86 -1.64
N LEU A 146 -4.70 14.63 -0.34
CA LEU A 146 -5.02 13.30 0.17
C LEU A 146 -6.47 12.96 -0.03
N GLY A 147 -6.72 11.73 -0.50
CA GLY A 147 -8.06 11.17 -0.53
C GLY A 147 -8.22 10.07 0.51
N ASN A 148 -9.43 9.52 0.61
CA ASN A 148 -9.69 8.46 1.56
C ASN A 148 -8.66 7.33 1.40
N GLY A 149 -8.06 6.93 2.52
CA GLY A 149 -7.12 5.82 2.56
C GLY A 149 -5.67 6.25 2.46
N GLN A 150 -5.42 7.48 2.00
CA GLN A 150 -4.06 7.89 1.70
C GLN A 150 -3.26 8.39 2.89
N VAL A 151 -1.94 8.23 2.74
CA VAL A 151 -0.98 8.47 3.83
C VAL A 151 -0.01 9.60 3.42
N ILE A 152 0.22 10.56 4.34
CA ILE A 152 1.16 11.64 4.08
C ILE A 152 2.39 11.55 5.01
N LEU A 153 3.57 11.74 4.43
CA LEU A 153 4.82 11.84 5.17
C LEU A 153 5.04 13.26 5.71
N MET A 154 5.13 13.36 7.05
CA MET A 154 5.59 14.59 7.69
C MET A 154 6.63 14.18 8.73
N HIS A 155 7.26 15.17 9.35
CA HIS A 155 8.28 14.90 10.36
C HIS A 155 7.98 15.55 11.68
N ASP A 156 8.60 15.02 12.74
CA ASP A 156 8.39 15.46 14.13
C ASP A 156 8.97 16.86 14.41
N TRP A 157 10.04 17.22 13.70
CA TRP A 157 10.85 18.42 14.03
C TRP A 157 10.57 19.77 13.31
N PRO A 158 10.08 19.77 12.04
CA PRO A 158 9.99 21.11 11.38
C PRO A 158 9.04 22.11 12.02
N ALA A 159 9.50 23.35 12.20
CA ALA A 159 8.64 24.39 12.74
C ALA A 159 7.38 24.66 11.88
N ASN A 160 7.53 24.56 10.55
CA ASN A 160 6.40 24.84 9.66
C ASN A 160 5.32 23.75 9.76
N THR A 161 5.74 22.54 10.12
CA THR A 161 4.79 21.46 10.39
C THR A 161 3.94 21.76 11.64
N LEU A 162 4.59 22.17 12.71
CA LEU A 162 3.84 22.58 13.90
C LEU A 162 2.86 23.72 13.56
N ALA A 163 3.33 24.70 12.78
CA ALA A 163 2.49 25.86 12.43
C ALA A 163 1.28 25.47 11.57
N ALA A 164 1.46 24.40 10.79
CA ALA A 164 0.45 23.91 9.86
C ALA A 164 -0.73 23.19 10.51
N ILE A 165 -0.56 22.73 11.75
CA ILE A 165 -1.56 21.82 12.33
C ILE A 165 -3.02 22.34 12.28
N PRO A 166 -3.28 23.58 12.77
CA PRO A 166 -4.68 24.02 12.66
C PRO A 166 -5.25 24.02 11.22
N ARG A 167 -4.49 24.52 10.25
CA ARG A 167 -4.93 24.50 8.86
C ARG A 167 -5.03 23.10 8.26
N ILE A 168 -4.22 22.16 8.74
CA ILE A 168 -4.42 20.75 8.37
C ILE A 168 -5.79 20.24 8.84
N ALA A 169 -6.13 20.49 10.10
CA ALA A 169 -7.42 20.09 10.65
C ALA A 169 -8.55 20.75 9.82
N GLN A 170 -8.38 22.03 9.49
CA GLN A 170 -9.38 22.75 8.69
C GLN A 170 -9.56 22.18 7.30
N THR A 171 -8.43 21.86 6.66
CA THR A 171 -8.43 21.26 5.33
C THR A 171 -9.20 19.93 5.35
N LEU A 172 -8.89 19.06 6.30
CA LEU A 172 -9.55 17.76 6.38
C LEU A 172 -11.05 17.93 6.64
N ALA A 173 -11.39 18.79 7.60
CA ALA A 173 -12.78 19.03 7.97
C ALA A 173 -13.56 19.56 6.78
N GLY A 174 -12.98 20.50 6.05
CA GLY A 174 -13.60 21.03 4.82
C GLY A 174 -13.96 19.97 3.79
N LYS A 175 -13.23 18.86 3.80
CA LYS A 175 -13.36 17.81 2.82
C LYS A 175 -14.16 16.64 3.34
N GLY A 176 -14.64 16.73 4.59
CA GLY A 176 -15.28 15.60 5.26
C GLY A 176 -14.36 14.40 5.51
N LEU A 177 -13.07 14.68 5.71
CA LEU A 177 -12.12 13.62 6.00
C LEU A 177 -11.64 13.73 7.42
N CYS A 178 -11.32 12.58 8.00
CA CYS A 178 -10.80 12.59 9.36
CA CYS A 178 -10.86 12.51 9.39
C CYS A 178 -9.46 11.89 9.45
N SER A 179 -8.75 12.15 10.54
CA SER A 179 -7.45 11.50 10.73
C SER A 179 -7.71 10.07 11.19
N GLY A 180 -7.05 9.11 10.55
CA GLY A 180 -7.29 7.71 10.86
C GLY A 180 -6.02 6.96 11.23
N MET A 181 -6.20 5.68 11.51
CA MET A 181 -5.05 4.84 11.80
CA MET A 181 -5.17 4.73 11.84
C MET A 181 -4.69 4.10 10.52
N ILE A 182 -3.52 3.52 10.51
CA ILE A 182 -3.05 2.78 9.34
C ILE A 182 -3.21 1.28 9.56
N SER A 183 -3.96 0.66 8.65
CA SER A 183 -4.24 -0.77 8.74
C SER A 183 -2.96 -1.61 8.57
N PRO A 184 -2.66 -2.51 9.53
CA PRO A 184 -1.55 -3.44 9.26
C PRO A 184 -1.82 -4.42 8.11
N GLN A 185 -3.09 -4.62 7.75
CA GLN A 185 -3.42 -5.54 6.67
CA GLN A 185 -3.42 -5.54 6.65
C GLN A 185 -3.12 -4.90 5.32
N THR A 186 -3.61 -3.68 5.14
CA THR A 186 -3.55 -3.01 3.84
C THR A 186 -2.57 -1.86 3.71
N GLY A 187 -2.09 -1.32 4.84
CA GLY A 187 -1.23 -0.13 4.83
C GLY A 187 -1.95 1.16 4.44
N ARG A 188 -3.28 1.13 4.43
CA ARG A 188 -3.95 2.39 4.17
CA ARG A 188 -4.18 2.27 4.09
CA ARG A 188 -4.04 2.33 4.12
C ARG A 188 -4.75 2.85 5.37
N ALA A 189 -5.11 4.12 5.34
CA ALA A 189 -5.76 4.77 6.47
C ALA A 189 -7.19 4.29 6.60
N VAL A 190 -7.59 3.98 7.84
CA VAL A 190 -8.93 3.44 8.14
C VAL A 190 -9.44 4.08 9.43
N ALA A 191 -10.73 3.88 9.73
CA ALA A 191 -11.30 4.36 10.98
C ALA A 191 -10.49 3.84 12.17
N PRO A 192 -10.17 4.70 13.13
CA PRO A 192 -9.52 4.19 14.35
C PRO A 192 -10.34 3.12 15.09
N ALA B 2 -0.31 14.35 -20.52
CA ALA B 2 -1.80 14.21 -20.59
C ALA B 2 -2.38 13.59 -19.31
N CYS B 3 -1.51 13.27 -18.34
CA CYS B 3 -1.94 12.56 -17.13
CA CYS B 3 -2.02 12.64 -17.14
C CYS B 3 -1.67 13.36 -15.87
N ASN B 4 -2.73 13.78 -15.18
CA ASN B 4 -2.63 14.43 -13.87
C ASN B 4 -2.29 13.42 -12.76
N GLY B 5 -2.51 12.13 -13.04
CA GLY B 5 -2.31 11.12 -12.01
C GLY B 5 -2.61 9.76 -12.61
N TYR B 6 -2.39 8.71 -11.83
CA TYR B 6 -2.54 7.33 -12.31
C TYR B 6 -3.35 6.51 -11.34
N VAL B 7 -4.15 5.60 -11.89
CA VAL B 7 -4.86 4.64 -11.05
C VAL B 7 -4.44 3.23 -11.45
N GLY B 8 -4.67 2.26 -10.56
CA GLY B 8 -4.30 0.87 -10.80
C GLY B 8 -5.51 0.02 -11.09
N LEU B 9 -5.80 -0.15 -12.38
CA LEU B 9 -6.84 -1.10 -12.79
C LEU B 9 -6.28 -2.51 -12.65
N THR B 10 -7.01 -3.40 -11.99
CA THR B 10 -6.54 -4.77 -11.81
C THR B 10 -7.67 -5.75 -12.04
N PHE B 11 -7.31 -6.92 -12.57
CA PHE B 11 -8.30 -7.97 -12.83
C PHE B 11 -7.80 -9.30 -12.33
N ASP B 12 -8.52 -9.85 -11.35
CA ASP B 12 -8.17 -11.13 -10.74
C ASP B 12 -8.78 -12.33 -11.47
N ASP B 13 -8.06 -13.45 -11.34
CA ASP B 13 -8.59 -14.84 -11.55
C ASP B 13 -8.60 -15.39 -12.98
N GLY B 14 -7.92 -14.70 -13.87
CA GLY B 14 -7.75 -15.23 -15.21
C GLY B 14 -6.50 -16.06 -15.32
N PRO B 15 -6.15 -16.42 -16.56
CA PRO B 15 -6.98 -16.15 -17.74
C PRO B 15 -8.01 -17.26 -17.99
N SER B 16 -8.90 -17.08 -18.95
CA SER B 16 -10.28 -17.64 -18.97
C SER B 16 -10.79 -17.41 -20.38
N GLY B 17 -11.92 -18.05 -20.69
CA GLY B 17 -12.61 -17.75 -21.95
C GLY B 17 -13.11 -16.32 -22.12
N SER B 18 -13.05 -15.49 -21.06
CA SER B 18 -13.49 -14.10 -21.19
CA SER B 18 -13.49 -14.10 -21.07
C SER B 18 -12.32 -13.15 -21.33
N THR B 19 -11.10 -13.67 -21.21
CA THR B 19 -9.92 -12.80 -21.19
C THR B 19 -9.73 -12.02 -22.48
N GLN B 20 -9.79 -12.70 -23.62
CA GLN B 20 -9.46 -11.99 -24.86
C GLN B 20 -10.45 -10.83 -25.14
N SER B 21 -11.74 -11.03 -24.85
CA SER B 21 -12.73 -9.97 -25.01
C SER B 21 -12.39 -8.77 -24.13
N LEU B 22 -11.99 -9.06 -22.89
CA LEU B 22 -11.60 -8.02 -21.94
C LEU B 22 -10.36 -7.27 -22.44
N LEU B 23 -9.36 -8.01 -22.89
CA LEU B 23 -8.13 -7.39 -23.41
C LEU B 23 -8.46 -6.47 -24.59
N ASN B 24 -9.28 -6.96 -25.52
CA ASN B 24 -9.66 -6.13 -26.69
C ASN B 24 -10.34 -4.84 -26.24
N ALA B 25 -11.24 -4.94 -25.27
CA ALA B 25 -11.97 -3.76 -24.79
C ALA B 25 -11.00 -2.77 -24.14
N LEU B 26 -10.09 -3.28 -23.33
CA LEU B 26 -9.12 -2.41 -22.66
C LEU B 26 -8.27 -1.66 -23.70
N ARG B 27 -7.67 -2.41 -24.63
CA ARG B 27 -6.80 -1.76 -25.61
CA ARG B 27 -6.84 -1.88 -25.71
C ARG B 27 -7.59 -0.78 -26.50
N GLN B 28 -8.83 -1.10 -26.88
CA GLN B 28 -9.61 -0.20 -27.74
C GLN B 28 -9.98 1.11 -27.03
N ASN B 29 -10.00 1.06 -25.69
CA ASN B 29 -10.33 2.22 -24.89
C ASN B 29 -9.11 2.86 -24.24
N GLY B 30 -7.94 2.41 -24.68
CA GLY B 30 -6.69 3.04 -24.32
C GLY B 30 -6.29 2.80 -22.88
N LEU B 31 -6.64 1.63 -22.36
CA LEU B 31 -6.37 1.29 -20.95
C LEU B 31 -5.37 0.17 -20.80
N ARG B 32 -4.57 0.24 -19.72
CA ARG B 32 -3.65 -0.83 -19.32
C ARG B 32 -4.00 -1.24 -17.91
N ALA B 33 -3.65 -2.47 -17.56
CA ALA B 33 -4.08 -3.03 -16.27
C ALA B 33 -3.15 -4.16 -15.85
N THR B 34 -3.26 -4.53 -14.58
CA THR B 34 -2.51 -5.64 -14.03
C THR B 34 -3.43 -6.83 -13.85
N MET B 35 -3.07 -7.94 -14.46
CA MET B 35 -3.88 -9.17 -14.42
C MET B 35 -3.29 -10.10 -13.35
N PHE B 36 -4.03 -10.34 -12.26
CA PHE B 36 -3.55 -11.20 -11.17
C PHE B 36 -4.06 -12.62 -11.48
N ASN B 37 -3.23 -13.36 -12.21
CA ASN B 37 -3.59 -14.70 -12.72
C ASN B 37 -3.40 -15.78 -11.64
N GLN B 38 -4.30 -16.78 -11.62
CA GLN B 38 -4.01 -17.99 -10.83
C GLN B 38 -3.03 -18.85 -11.62
N GLY B 39 -2.07 -19.43 -10.90
CA GLY B 39 -1.08 -20.33 -11.55
C GLY B 39 -1.76 -21.46 -12.35
N GLN B 40 -2.81 -22.07 -11.80
CA GLN B 40 -3.42 -23.21 -12.53
C GLN B 40 -3.98 -22.76 -13.89
N TYR B 41 -4.51 -21.53 -13.96
CA TYR B 41 -5.09 -21.05 -15.22
C TYR B 41 -4.00 -20.56 -16.19
N ALA B 42 -2.93 -19.99 -15.64
CA ALA B 42 -1.76 -19.68 -16.46
C ALA B 42 -1.17 -20.94 -17.10
N ALA B 43 -1.05 -22.02 -16.31
CA ALA B 43 -0.55 -23.32 -16.80
C ALA B 43 -1.46 -23.86 -17.92
N GLN B 44 -2.77 -23.69 -17.75
CA GLN B 44 -3.78 -24.24 -18.67
C GLN B 44 -3.91 -23.45 -19.97
N ASN B 45 -3.47 -22.18 -19.95
CA ASN B 45 -3.77 -21.25 -21.05
C ASN B 45 -2.55 -20.36 -21.32
N PRO B 46 -1.39 -20.96 -21.63
CA PRO B 46 -0.19 -20.14 -21.80
C PRO B 46 -0.35 -19.08 -22.88
N SER B 47 -1.04 -19.39 -23.98
CA SER B 47 -1.24 -18.41 -25.05
CA SER B 47 -1.25 -18.42 -25.05
CA SER B 47 -1.20 -18.38 -25.03
C SER B 47 -2.04 -17.18 -24.57
N LEU B 48 -2.98 -17.38 -23.63
CA LEU B 48 -3.74 -16.23 -23.10
C LEU B 48 -2.88 -15.42 -22.13
N VAL B 49 -1.94 -16.08 -21.46
CA VAL B 49 -0.96 -15.31 -20.65
C VAL B 49 -0.19 -14.33 -21.56
N ARG B 50 0.29 -14.85 -22.67
CA ARG B 50 0.98 -14.02 -23.65
C ARG B 50 0.06 -12.97 -24.21
N ALA B 51 -1.21 -13.29 -24.43
CA ALA B 51 -2.14 -12.32 -25.00
C ALA B 51 -2.24 -11.11 -24.07
N GLN B 52 -2.18 -11.35 -22.76
CA GLN B 52 -2.22 -10.23 -21.79
C GLN B 52 -1.03 -9.29 -21.98
N VAL B 53 0.16 -9.88 -22.11
CA VAL B 53 1.40 -9.11 -22.36
C VAL B 53 1.28 -8.32 -23.67
N ASP B 54 0.85 -9.01 -24.72
CA ASP B 54 0.75 -8.39 -26.06
C ASP B 54 -0.33 -7.31 -26.16
N ALA B 55 -1.26 -7.30 -25.20
CA ALA B 55 -2.29 -6.26 -25.10
C ALA B 55 -1.82 -5.04 -24.30
N GLY B 56 -0.60 -5.12 -23.76
CA GLY B 56 -0.04 -4.05 -22.92
C GLY B 56 -0.31 -4.18 -21.43
N MET B 57 -0.69 -5.36 -20.96
CA MET B 57 -0.98 -5.57 -19.53
C MET B 57 0.26 -6.06 -18.79
N TRP B 58 0.20 -5.98 -17.47
CA TRP B 58 1.22 -6.54 -16.58
C TRP B 58 0.55 -7.74 -15.98
N VAL B 59 1.36 -8.77 -15.70
CA VAL B 59 0.84 -10.03 -15.17
C VAL B 59 1.43 -10.23 -13.77
N ALA B 60 0.56 -10.61 -12.82
CA ALA B 60 0.97 -10.77 -11.44
C ALA B 60 0.45 -12.08 -10.86
N ASN B 61 0.92 -12.42 -9.65
CA ASN B 61 0.69 -13.72 -9.02
C ASN B 61 -0.53 -13.65 -8.11
N HIS B 62 -1.48 -14.58 -8.31
CA HIS B 62 -2.69 -14.63 -7.46
C HIS B 62 -2.87 -16.05 -6.84
N SER B 63 -1.75 -16.72 -6.54
CA SER B 63 -1.67 -18.11 -6.02
C SER B 63 -1.98 -19.14 -7.11
N TYR B 64 -1.80 -20.42 -6.79
CA TYR B 64 -1.98 -21.47 -7.79
C TYR B 64 -3.44 -21.91 -7.93
N THR B 65 -4.11 -22.09 -6.78
CA THR B 65 -5.44 -22.66 -6.76
C THR B 65 -6.44 -21.80 -5.98
N HIS B 66 -6.03 -20.59 -5.57
CA HIS B 66 -6.90 -19.68 -4.81
C HIS B 66 -7.39 -20.24 -3.45
N PRO B 67 -6.46 -20.79 -2.63
CA PRO B 67 -6.88 -21.23 -1.28
C PRO B 67 -6.97 -20.03 -0.33
N HIS B 68 -7.56 -20.22 0.84
CA HIS B 68 -7.41 -19.25 1.93
C HIS B 68 -6.00 -19.46 2.46
N MET B 69 -5.06 -18.62 2.01
CA MET B 69 -3.63 -18.87 2.25
CA MET B 69 -3.67 -18.95 2.27
C MET B 69 -3.24 -18.94 3.72
N THR B 70 -3.93 -18.18 4.57
CA THR B 70 -3.56 -18.15 6.00
C THR B 70 -3.95 -19.42 6.74
N GLN B 71 -4.77 -20.26 6.10
CA GLN B 71 -5.14 -21.56 6.68
C GLN B 71 -4.13 -22.65 6.32
N LEU B 72 -3.13 -22.31 5.50
CA LEU B 72 -2.11 -23.24 5.06
C LEU B 72 -0.87 -23.16 5.92
N GLY B 73 -0.12 -24.25 5.94
CA GLY B 73 1.22 -24.22 6.49
C GLY B 73 2.16 -23.48 5.55
N GLN B 74 3.32 -23.08 6.08
CA GLN B 74 4.26 -22.27 5.31
C GLN B 74 4.72 -22.97 4.03
N ALA B 75 4.99 -24.28 4.10
CA ALA B 75 5.47 -25.00 2.91
C ALA B 75 4.42 -25.04 1.79
N GLN B 76 3.16 -25.15 2.20
CA GLN B 76 1.99 -25.12 1.29
CA GLN B 76 2.05 -25.13 1.24
C GLN B 76 1.85 -23.74 0.65
N MET B 77 2.03 -22.70 1.46
CA MET B 77 2.00 -21.31 0.90
C MET B 77 3.12 -21.15 -0.14
N ASP B 78 4.29 -21.70 0.22
CA ASP B 78 5.47 -21.58 -0.62
C ASP B 78 5.22 -22.27 -1.96
N SER B 79 4.63 -23.47 -1.94
CA SER B 79 4.30 -24.19 -3.18
CA SER B 79 4.35 -24.16 -3.21
C SER B 79 3.30 -23.41 -4.04
N GLU B 80 2.26 -22.87 -3.40
CA GLU B 80 1.25 -22.10 -4.13
C GLU B 80 1.88 -20.90 -4.84
N ILE B 81 2.74 -20.19 -4.14
CA ILE B 81 3.36 -19.00 -4.73
C ILE B 81 4.43 -19.38 -5.77
N SER B 82 5.32 -20.30 -5.43
CA SER B 82 6.40 -20.70 -6.33
CA SER B 82 6.40 -20.65 -6.35
C SER B 82 5.89 -21.28 -7.65
N ARG B 83 4.91 -22.17 -7.57
CA ARG B 83 4.37 -22.80 -8.78
C ARG B 83 3.69 -21.77 -9.70
N THR B 84 3.11 -20.74 -9.09
CA THR B 84 2.49 -19.67 -9.88
C THR B 84 3.56 -18.79 -10.55
N GLN B 85 4.65 -18.49 -9.85
CA GLN B 85 5.79 -17.78 -10.47
C GLN B 85 6.25 -18.56 -11.70
N GLN B 86 6.36 -19.87 -11.54
CA GLN B 86 6.87 -20.75 -12.58
C GLN B 86 5.90 -20.84 -13.76
N ALA B 87 4.61 -20.97 -13.45
CA ALA B 87 3.59 -21.07 -14.49
C ALA B 87 3.48 -19.79 -15.31
N ILE B 88 3.48 -18.64 -14.63
CA ILE B 88 3.42 -17.38 -15.37
C ILE B 88 4.68 -17.13 -16.21
N ALA B 89 5.86 -17.30 -15.62
CA ALA B 89 7.09 -17.12 -16.39
C ALA B 89 7.19 -18.11 -17.56
N GLY B 90 6.82 -19.36 -17.31
CA GLY B 90 6.86 -20.41 -18.35
C GLY B 90 5.94 -20.13 -19.52
N ALA B 91 4.86 -19.37 -19.27
CA ALA B 91 3.88 -19.04 -20.30
C ALA B 91 4.27 -17.78 -21.06
N GLY B 92 5.35 -17.10 -20.62
CA GLY B 92 5.80 -15.86 -21.29
C GLY B 92 5.27 -14.58 -20.66
N GLY B 93 4.73 -14.69 -19.45
CA GLY B 93 4.19 -13.52 -18.74
C GLY B 93 5.19 -12.76 -17.86
N GLY B 94 6.48 -13.09 -17.96
CA GLY B 94 7.50 -12.54 -17.07
C GLY B 94 7.49 -13.21 -15.69
N THR B 95 8.43 -12.82 -14.83
CA THR B 95 8.45 -13.28 -13.44
C THR B 95 7.75 -12.19 -12.62
N PRO B 96 6.57 -12.48 -12.08
CA PRO B 96 5.87 -11.40 -11.35
C PRO B 96 6.63 -10.79 -10.18
N LYS B 97 6.37 -9.50 -9.97
CA LYS B 97 6.87 -8.73 -8.85
CA LYS B 97 6.89 -8.81 -8.79
C LYS B 97 5.77 -8.46 -7.81
N LEU B 98 4.51 -8.74 -8.20
CA LEU B 98 3.34 -8.41 -7.37
C LEU B 98 2.56 -9.67 -7.05
N PHE B 99 2.02 -9.71 -5.84
CA PHE B 99 1.20 -10.85 -5.40
C PHE B 99 -0.05 -10.32 -4.70
N ARG B 100 -1.22 -10.81 -5.10
CA ARG B 100 -2.44 -10.46 -4.35
C ARG B 100 -2.97 -11.70 -3.62
N PRO B 101 -3.11 -11.62 -2.29
CA PRO B 101 -3.55 -12.82 -1.57
C PRO B 101 -4.99 -13.09 -1.96
N PRO B 102 -5.34 -14.35 -2.23
CA PRO B 102 -6.77 -14.67 -2.36
C PRO B 102 -7.56 -14.14 -1.14
N TYR B 103 -8.71 -13.53 -1.41
CA TYR B 103 -9.64 -13.05 -0.34
C TYR B 103 -9.02 -11.87 0.42
N GLY B 104 -7.89 -11.35 -0.06
CA GLY B 104 -7.18 -10.25 0.65
C GLY B 104 -6.63 -10.70 2.00
N GLU B 105 -6.64 -12.02 2.26
CA GLU B 105 -6.27 -12.56 3.57
C GLU B 105 -4.78 -12.79 3.69
N THR B 106 -4.17 -12.17 4.71
CA THR B 106 -2.72 -12.27 4.87
C THR B 106 -2.31 -12.39 6.35
N ASN B 107 -1.06 -12.82 6.56
CA ASN B 107 -0.45 -12.88 7.89
C ASN B 107 1.08 -12.85 7.75
N ALA B 108 1.81 -12.82 8.88
CA ALA B 108 3.29 -12.65 8.80
C ALA B 108 3.96 -13.82 8.06
N THR B 109 3.44 -15.03 8.22
CA THR B 109 3.98 -16.18 7.49
C THR B 109 3.86 -15.99 5.98
N LEU B 110 2.67 -15.60 5.54
CA LEU B 110 2.50 -15.28 4.13
C LEU B 110 3.44 -14.17 3.66
N ARG B 111 3.57 -13.11 4.47
CA ARG B 111 4.52 -12.04 4.14
C ARG B 111 5.96 -12.54 3.96
N SER B 112 6.38 -13.48 4.82
CA SER B 112 7.71 -14.09 4.70
CA SER B 112 7.72 -14.07 4.70
CA SER B 112 7.71 -14.07 4.70
C SER B 112 7.88 -14.82 3.38
N VAL B 113 6.85 -15.56 2.97
CA VAL B 113 6.92 -16.28 1.71
C VAL B 113 6.95 -15.31 0.52
N GLU B 114 6.10 -14.26 0.55
CA GLU B 114 6.13 -13.23 -0.49
C GLU B 114 7.55 -12.67 -0.63
N ALA B 115 8.16 -12.36 0.51
CA ALA B 115 9.51 -11.77 0.50
C ALA B 115 10.56 -12.70 -0.10
N LYS B 116 10.46 -14.00 0.21
CA LYS B 116 11.38 -15.00 -0.33
C LYS B 116 11.40 -14.94 -1.86
N TYR B 117 10.21 -14.73 -2.45
CA TYR B 117 10.04 -14.74 -3.91
C TYR B 117 10.11 -13.35 -4.55
N GLY B 118 10.49 -12.36 -3.74
CA GLY B 118 10.60 -10.99 -4.24
C GLY B 118 9.27 -10.37 -4.66
N LEU B 119 8.19 -10.74 -3.96
CA LEU B 119 6.84 -10.27 -4.30
C LEU B 119 6.35 -9.21 -3.34
N THR B 120 5.80 -8.14 -3.90
CA THR B 120 5.15 -7.09 -3.12
C THR B 120 3.66 -7.42 -3.00
N GLU B 121 3.13 -7.40 -1.78
CA GLU B 121 1.72 -7.71 -1.57
C GLU B 121 0.88 -6.54 -2.06
N VAL B 122 -0.19 -6.86 -2.79
CA VAL B 122 -1.10 -5.84 -3.31
C VAL B 122 -2.54 -6.20 -2.99
N ILE B 123 -3.15 -5.42 -2.08
CA ILE B 123 -4.56 -5.57 -1.75
CA ILE B 123 -4.56 -5.63 -1.80
C ILE B 123 -5.32 -4.67 -2.71
N TRP B 124 -6.10 -3.70 -2.19
CA TRP B 124 -6.77 -2.74 -3.08
C TRP B 124 -7.29 -1.62 -2.20
N ASP B 125 -7.62 -0.51 -2.84
CA ASP B 125 -8.25 0.62 -2.16
C ASP B 125 -9.76 0.56 -2.32
N VAL B 126 -10.22 0.12 -3.50
CA VAL B 126 -11.64 0.03 -3.78
C VAL B 126 -11.96 -1.35 -4.32
N ASP B 127 -13.01 -1.97 -3.80
CA ASP B 127 -13.52 -3.26 -4.31
C ASP B 127 -14.70 -2.92 -5.22
N SER B 128 -14.61 -3.25 -6.50
CA SER B 128 -15.71 -2.95 -7.44
C SER B 128 -16.97 -3.76 -7.20
N GLN B 129 -16.83 -4.85 -6.42
CA GLN B 129 -17.89 -5.82 -6.16
C GLN B 129 -18.40 -6.49 -7.43
N ASP B 130 -17.57 -6.50 -8.49
CA ASP B 130 -18.03 -7.10 -9.74
C ASP B 130 -18.24 -8.61 -9.61
N TRP B 131 -17.53 -9.22 -8.64
CA TRP B 131 -17.65 -10.64 -8.29
C TRP B 131 -18.94 -10.94 -7.50
N ASN B 132 -19.56 -9.87 -7.00
CA ASN B 132 -20.73 -9.95 -6.11
C ASN B 132 -21.99 -9.33 -6.74
N ASN B 133 -22.10 -9.52 -8.07
CA ASN B 133 -23.23 -9.09 -8.90
C ASN B 133 -23.43 -7.58 -9.03
N ALA B 134 -22.37 -6.79 -8.80
CA ALA B 134 -22.45 -5.35 -9.02
C ALA B 134 -22.93 -5.04 -10.41
N SER B 135 -23.81 -4.05 -10.53
CA SER B 135 -24.24 -3.57 -11.84
C SER B 135 -23.07 -2.87 -12.56
N THR B 136 -23.18 -2.72 -13.87
CA THR B 136 -22.26 -1.91 -14.64
C THR B 136 -22.16 -0.47 -14.06
N ASP B 137 -23.30 0.10 -13.69
CA ASP B 137 -23.32 1.43 -13.08
C ASP B 137 -22.47 1.50 -11.81
N ALA B 138 -22.67 0.49 -10.94
CA ALA B 138 -21.94 0.42 -9.66
C ALA B 138 -20.42 0.27 -9.90
N ILE B 139 -20.05 -0.55 -10.88
CA ILE B 139 -18.62 -0.75 -11.18
C ILE B 139 -17.99 0.56 -11.66
N VAL B 140 -18.67 1.26 -12.55
CA VAL B 140 -18.22 2.57 -13.01
C VAL B 140 -18.11 3.56 -11.83
N GLN B 141 -19.11 3.55 -10.96
CA GLN B 141 -19.12 4.39 -9.76
C GLN B 141 -17.91 4.08 -8.86
N ALA B 142 -17.58 2.80 -8.69
CA ALA B 142 -16.42 2.42 -7.86
C ALA B 142 -15.14 3.00 -8.47
N VAL B 143 -14.98 2.90 -9.79
CA VAL B 143 -13.83 3.51 -10.46
C VAL B 143 -13.79 5.03 -10.22
N SER B 144 -14.96 5.67 -10.17
CA SER B 144 -15.01 7.12 -9.97
C SER B 144 -14.48 7.59 -8.60
N ARG B 145 -14.39 6.66 -7.65
CA ARG B 145 -13.88 6.94 -6.30
C ARG B 145 -12.37 6.95 -6.23
N LEU B 146 -11.71 6.48 -7.31
CA LEU B 146 -10.24 6.35 -7.27
C LEU B 146 -9.57 7.69 -7.44
N GLY B 147 -8.53 7.91 -6.63
CA GLY B 147 -7.67 9.08 -6.79
C GLY B 147 -6.28 8.64 -7.21
N ASN B 148 -5.38 9.59 -7.43
CA ASN B 148 -4.03 9.25 -7.86
C ASN B 148 -3.36 8.24 -6.92
N GLY B 149 -2.81 7.17 -7.50
CA GLY B 149 -2.11 6.15 -6.73
C GLY B 149 -2.98 4.97 -6.36
N GLN B 150 -4.30 5.13 -6.45
CA GLN B 150 -5.16 4.11 -5.89
C GLN B 150 -5.47 2.95 -6.84
N VAL B 151 -5.76 1.82 -6.21
CA VAL B 151 -5.90 0.51 -6.87
C VAL B 151 -7.34 -0.02 -6.71
N ILE B 152 -7.94 -0.51 -7.79
CA ILE B 152 -9.29 -1.07 -7.72
C ILE B 152 -9.25 -2.57 -8.06
N LEU B 153 -9.98 -3.35 -7.26
CA LEU B 153 -10.18 -4.78 -7.50
C LEU B 153 -11.34 -5.00 -8.47
N MET B 154 -11.03 -5.62 -9.61
CA MET B 154 -12.04 -6.16 -10.55
C MET B 154 -11.61 -7.59 -10.89
N HIS B 155 -12.48 -8.30 -11.61
CA HIS B 155 -12.21 -9.68 -11.99
C HIS B 155 -12.29 -9.88 -13.48
N ASP B 156 -11.64 -10.96 -13.94
CA ASP B 156 -11.50 -11.26 -15.36
C ASP B 156 -12.84 -11.72 -16.01
N TRP B 157 -13.72 -12.32 -15.22
CA TRP B 157 -14.92 -13.02 -15.76
C TRP B 157 -16.29 -12.27 -15.82
N PRO B 158 -16.56 -11.32 -14.89
CA PRO B 158 -17.93 -10.73 -14.93
C PRO B 158 -18.33 -10.01 -16.24
N ALA B 159 -19.52 -10.32 -16.77
CA ALA B 159 -20.01 -9.61 -17.95
C ALA B 159 -20.13 -8.10 -17.77
N ASN B 160 -20.53 -7.67 -16.57
CA ASN B 160 -20.74 -6.22 -16.35
C ASN B 160 -19.41 -5.48 -16.33
N THR B 161 -18.34 -6.17 -15.96
CA THR B 161 -16.99 -5.57 -16.00
C THR B 161 -16.56 -5.27 -17.45
N LEU B 162 -16.73 -6.26 -18.33
CA LEU B 162 -16.53 -6.02 -19.75
C LEU B 162 -17.38 -4.84 -20.28
N ALA B 163 -18.66 -4.81 -19.90
CA ALA B 163 -19.61 -3.79 -20.34
C ALA B 163 -19.18 -2.42 -19.83
N ALA B 164 -18.53 -2.40 -18.67
CA ALA B 164 -18.12 -1.14 -18.04
C ALA B 164 -16.89 -0.45 -18.65
N ILE B 165 -16.10 -1.16 -19.43
CA ILE B 165 -14.79 -0.63 -19.86
CA ILE B 165 -14.80 -0.62 -19.87
C ILE B 165 -14.84 0.77 -20.54
N PRO B 166 -15.69 0.95 -21.58
CA PRO B 166 -15.76 2.31 -22.16
C PRO B 166 -16.04 3.45 -21.17
N ARG B 167 -17.00 3.25 -20.25
CA ARG B 167 -17.36 4.28 -19.28
C ARG B 167 -16.29 4.43 -18.21
N ILE B 168 -15.64 3.33 -17.88
CA ILE B 168 -14.45 3.41 -16.99
C ILE B 168 -13.41 4.35 -17.63
N ALA B 169 -13.10 4.12 -18.90
CA ALA B 169 -12.13 4.95 -19.61
C ALA B 169 -12.58 6.42 -19.65
N GLN B 170 -13.86 6.66 -19.89
CA GLN B 170 -14.42 8.03 -19.94
C GLN B 170 -14.34 8.73 -18.57
N THR B 171 -14.64 7.97 -17.51
CA THR B 171 -14.60 8.46 -16.15
C THR B 171 -13.18 8.93 -15.84
N LEU B 172 -12.20 8.07 -16.13
CA LEU B 172 -10.79 8.42 -15.87
C LEU B 172 -10.35 9.63 -16.69
N ALA B 173 -10.61 9.60 -18.00
CA ALA B 173 -10.20 10.68 -18.92
C ALA B 173 -10.77 12.02 -18.49
N GLY B 174 -12.01 12.01 -18.01
CA GLY B 174 -12.68 13.22 -17.53
C GLY B 174 -11.98 13.89 -16.36
N LYS B 175 -11.20 13.10 -15.62
CA LYS B 175 -10.52 13.56 -14.41
C LYS B 175 -9.03 13.75 -14.65
N GLY B 176 -8.58 13.48 -15.87
CA GLY B 176 -7.17 13.56 -16.22
C GLY B 176 -6.36 12.48 -15.53
N LEU B 177 -7.02 11.36 -15.20
CA LEU B 177 -6.34 10.21 -14.62
C LEU B 177 -6.08 9.19 -15.72
N CYS B 178 -4.92 8.56 -15.66
CA CYS B 178 -4.53 7.53 -16.62
CA CYS B 178 -4.51 7.55 -16.62
C CYS B 178 -4.38 6.20 -15.93
N SER B 179 -4.45 5.13 -16.71
CA SER B 179 -4.24 3.82 -16.13
C SER B 179 -2.73 3.61 -15.98
N GLY B 180 -2.33 3.20 -14.78
CA GLY B 180 -0.93 3.05 -14.49
C GLY B 180 -0.53 1.63 -14.09
N MET B 181 0.77 1.48 -13.83
CA MET B 181 1.42 0.27 -13.37
CA MET B 181 1.28 0.21 -13.35
C MET B 181 1.40 0.33 -11.84
N ILE B 182 1.53 -0.80 -11.17
CA ILE B 182 1.61 -0.80 -9.72
C ILE B 182 3.07 -0.93 -9.32
N SER B 183 3.54 0.04 -8.54
CA SER B 183 4.95 0.06 -8.12
C SER B 183 5.28 -1.13 -7.18
N PRO B 184 6.31 -1.93 -7.49
CA PRO B 184 6.76 -2.93 -6.51
C PRO B 184 7.32 -2.32 -5.22
N GLN B 185 7.74 -1.05 -5.23
CA GLN B 185 8.29 -0.48 -4.02
CA GLN B 185 8.28 -0.39 -4.05
C GLN B 185 7.17 -0.01 -3.08
N THR B 186 6.15 0.62 -3.63
CA THR B 186 5.11 1.27 -2.79
C THR B 186 3.74 0.62 -2.84
N GLY B 187 3.50 -0.22 -3.85
CA GLY B 187 2.19 -0.83 -4.10
C GLY B 187 1.11 0.15 -4.58
N ARG B 188 1.54 1.33 -5.01
CA ARG B 188 0.70 2.42 -5.51
CA ARG B 188 0.57 2.25 -5.54
C ARG B 188 0.76 2.43 -7.03
N ALA B 189 -0.29 2.94 -7.67
CA ALA B 189 -0.30 3.12 -9.12
C ALA B 189 0.61 4.28 -9.49
N VAL B 190 1.44 4.05 -10.50
CA VAL B 190 2.40 5.05 -10.97
C VAL B 190 2.47 5.02 -12.51
N ALA B 191 3.18 5.99 -13.09
CA ALA B 191 3.35 6.02 -14.56
C ALA B 191 3.98 4.73 -15.06
N PRO B 192 3.45 4.15 -16.14
CA PRO B 192 4.16 2.99 -16.73
C PRO B 192 5.63 3.29 -17.10
N ASP B 193 6.50 2.32 -16.84
CA ASP B 193 7.92 2.44 -17.17
C ASP B 193 8.12 2.47 -18.68
#